data_8KED
#
_entry.id   8KED
#
_cell.length_a   138.674
_cell.length_b   26.182
_cell.length_c   65.524
_cell.angle_alpha   90.000
_cell.angle_beta   113.380
_cell.angle_gamma   90.000
#
_symmetry.space_group_name_H-M   'C 1 2 1'
#
loop_
_entity.id
_entity.type
_entity.pdbx_description
1 polymer 'RNA (72-MER)'
2 non-polymer "GUANOSINE-5'-TRIPHOSPHATE"
3 non-polymer GUANINE
4 non-polymer 'MAGNESIUM ION'
5 non-polymer 'SODIUM ION'
#
_entity_poly.entity_id   1
_entity_poly.type   'polyribonucleotide'
_entity_poly.pdbx_seq_one_letter_code
;GGAUUCGUAUAUCCUUAAUGAUAUGGUUUAAGGGCAAUACAUAGAGACCACAAAUUUCUUACUGCGAAUUCU
;
_entity_poly.pdbx_strand_id   A
#
loop_
_chem_comp.id
_chem_comp.type
_chem_comp.name
_chem_comp.formula
A RNA linking ADENOSINE-5'-MONOPHOSPHATE 'C10 H14 N5 O7 P'
C RNA linking CYTIDINE-5'-MONOPHOSPHATE 'C9 H14 N3 O8 P'
G RNA linking GUANOSINE-5'-MONOPHOSPHATE 'C10 H14 N5 O8 P'
GTP non-polymer GUANOSINE-5'-TRIPHOSPHATE 'C10 H16 N5 O14 P3'
GUN non-polymer GUANINE 'C5 H5 N5 O'
MG non-polymer 'MAGNESIUM ION' 'Mg 2'
NA non-polymer 'SODIUM ION' 'Na 1'
U RNA linking URIDINE-5'-MONOPHOSPHATE 'C9 H13 N2 O9 P'
#
# COMPACT_ATOMS: atom_id res chain seq x y z
PG GTP B . 5.30 5.60 2.92
O1G GTP B . 5.22 7.06 3.27
O2G GTP B . 4.96 4.78 4.14
O3G GTP B . 6.71 5.27 2.46
O3B GTP B . 4.19 5.31 1.78
PB GTP B . 4.55 5.26 0.21
O1B GTP B . 4.99 6.63 -0.26
O2B GTP B . 3.37 4.77 -0.60
O3A GTP B . 5.79 4.25 0.13
PA GTP B . 5.76 2.76 0.77
O1A GTP B . 4.64 2.61 1.78
O2A GTP B . 7.10 2.43 1.39
O5' GTP B . 5.43 1.82 -0.50
C5' GTP B . 5.76 2.29 -1.79
C4' GTP B . 6.55 1.23 -2.54
O4' GTP B . 7.78 0.95 -1.89
C3' GTP B . 5.82 -0.08 -2.60
O3' GTP B . 4.85 -0.12 -3.62
C2' GTP B . 6.96 -1.07 -2.79
O2' GTP B . 7.31 -1.18 -4.15
C1' GTP B . 8.11 -0.41 -2.04
N9 GTP B . 8.21 -1.05 -0.72
C8 GTP B . 8.05 -0.46 0.50
N7 GTP B . 8.22 -1.38 1.47
C5 GTP B . 8.52 -2.56 0.88
C6 GTP B . 8.80 -3.81 1.40
O6 GTP B . 8.81 -3.99 2.62
N1 GTP B . 9.07 -4.85 0.54
C2 GTP B . 9.06 -4.65 -0.83
N2 GTP B . 9.31 -5.64 -1.67
N3 GTP B . 8.78 -3.39 -1.32
C4 GTP B . 8.51 -2.37 -0.49
N9 GUN C . -16.15 1.67 -1.20
C8 GUN C . -16.69 1.42 0.03
N7 GUN C . -16.70 0.15 0.30
C5 GUN C . -16.14 -0.45 -0.79
C6 GUN C . -15.89 -1.84 -1.06
O6 GUN C . -16.13 -2.81 -0.35
N1 GUN C . -15.29 -1.98 -2.32
C2 GUN C . -14.96 -0.98 -3.19
N2 GUN C . -14.38 -1.33 -4.35
N3 GUN C . -15.20 0.28 -2.93
C4 GUN C . -15.79 0.48 -1.74
MG MG D . -10.06 -4.72 2.11
MG MG E . -3.77 -4.96 1.25
MG MG F . -17.16 -3.82 2.04
MG MG G . -18.48 -3.16 9.25
NA NA H . 6.28 -3.98 4.49
#